data_4IZB
#
_entry.id   4IZB
#
_cell.length_a   117.660
_cell.length_b   117.660
_cell.length_c   117.660
_cell.angle_alpha   90.00
_cell.angle_beta   90.00
_cell.angle_gamma   90.00
#
_symmetry.space_group_name_H-M   'P 21 3'
#
loop_
_entity.id
_entity.type
_entity.pdbx_description
1 polymer 'Enoyl-CoA hydratase/isomerase family protein'
2 water water
#
_entity_poly.entity_id   1
_entity_poly.type   'polypeptide(L)'
_entity_poly.pdbx_seq_one_letter_code
;MTQDVTSGYSNLDLDLRDNGVCVVTLNRPDKRNALDVATIEELVTFFSTAHRKGVRAVVLTGAGDHFCAGLDLVEHWKAD
RSADDFMHVCLRWHEAFNKMEYGGVPIIAALRGAVVGGGLELASAAHLRVMDQSTYFALPEGQRGIFTGGGATIRVSDMI
GKYRMIDMILTGRVYQGQEAADLGLAQYITEGSSFDKAMELADKIASNLPLTNFAICSAISHMQNMSGLDAAYAEAFVGG
IVNTQPAARERLEAFANKTAARVRPNSLEHHHHHH
;
_entity_poly.pdbx_strand_id   A,B
#
# COMPACT_ATOMS: atom_id res chain seq x y z
N ASP A 4 0.96 15.67 16.69
CA ASP A 4 -0.44 15.16 16.53
C ASP A 4 -0.48 13.62 16.42
N VAL A 5 0.41 12.95 17.16
CA VAL A 5 0.51 11.49 17.15
C VAL A 5 -0.60 10.79 17.93
N THR A 6 -0.85 11.28 19.14
CA THR A 6 -1.87 10.66 19.98
C THR A 6 -3.25 11.15 19.61
N SER A 7 -3.35 11.74 18.42
CA SER A 7 -4.60 12.26 17.90
C SER A 7 -5.83 11.73 18.62
N GLY A 8 -6.27 10.54 18.23
CA GLY A 8 -7.46 9.98 18.83
C GLY A 8 -7.82 8.66 18.18
N TYR A 9 -7.77 7.60 18.98
CA TYR A 9 -8.07 6.25 18.55
C TYR A 9 -8.97 5.60 19.63
N SER A 10 -9.93 4.79 19.21
CA SER A 10 -10.83 4.10 20.15
C SER A 10 -10.22 2.79 20.63
N ASN A 11 -9.64 2.05 19.69
CA ASN A 11 -9.10 0.71 19.93
C ASN A 11 -7.59 0.57 20.16
N LEU A 12 -6.87 1.68 20.27
CA LEU A 12 -5.45 1.62 20.55
C LEU A 12 -5.20 2.65 21.63
N ASP A 13 -4.38 2.29 22.62
CA ASP A 13 -4.01 3.24 23.65
C ASP A 13 -2.59 3.64 23.29
N LEU A 14 -2.32 4.93 23.17
CA LEU A 14 -1.01 5.44 22.79
C LEU A 14 -0.35 6.27 23.88
N ASP A 15 0.97 6.14 23.98
CA ASP A 15 1.78 6.86 24.96
C ASP A 15 3.05 7.28 24.23
N LEU A 16 3.12 8.56 23.85
CA LEU A 16 4.28 9.05 23.13
C LEU A 16 5.29 9.61 24.11
N ARG A 17 6.48 9.02 24.13
CA ARG A 17 7.55 9.44 25.03
C ARG A 17 8.35 10.57 24.39
N ASP A 18 9.06 11.32 25.24
CA ASP A 18 9.82 12.47 24.76
C ASP A 18 10.88 12.20 23.70
N ASN A 19 11.35 10.95 23.57
CA ASN A 19 12.37 10.65 22.56
C ASN A 19 11.78 10.12 21.26
N GLY A 20 10.46 10.19 21.12
CA GLY A 20 9.86 9.74 19.88
C GLY A 20 9.39 8.29 19.87
N VAL A 21 9.60 7.57 20.97
CA VAL A 21 9.13 6.18 21.01
C VAL A 21 7.66 6.26 21.40
N CYS A 22 6.81 5.60 20.62
CA CYS A 22 5.39 5.56 20.90
C CYS A 22 4.96 4.18 21.31
N VAL A 23 4.37 4.06 22.50
CA VAL A 23 3.88 2.73 22.90
C VAL A 23 2.49 2.65 22.30
N VAL A 24 2.16 1.54 21.65
CA VAL A 24 0.88 1.33 21.01
C VAL A 24 0.35 0.06 21.68
N THR A 25 -0.73 0.20 22.44
CA THR A 25 -1.28 -0.91 23.20
C THR A 25 -2.68 -1.31 22.80
N LEU A 26 -2.88 -2.58 22.42
CA LEU A 26 -4.22 -3.09 22.08
C LEU A 26 -4.94 -2.94 23.41
N ASN A 27 -6.15 -2.40 23.38
CA ASN A 27 -6.85 -2.10 24.64
C ASN A 27 -8.13 -2.80 25.01
N ARG A 28 -8.27 -4.07 24.61
CA ARG A 28 -9.46 -4.85 24.97
C ARG A 28 -9.06 -6.18 25.62
N PRO A 29 -8.43 -6.13 26.79
CA PRO A 29 -8.02 -7.37 27.46
C PRO A 29 -9.15 -8.33 27.78
N ASP A 30 -10.36 -7.80 27.93
CA ASP A 30 -11.50 -8.66 28.21
C ASP A 30 -11.74 -9.65 27.09
N LYS A 31 -11.23 -9.38 25.89
CA LYS A 31 -11.41 -10.35 24.82
C LYS A 31 -10.02 -10.73 24.27
N ARG A 32 -9.03 -10.62 25.14
CA ARG A 32 -7.63 -10.91 24.80
C ARG A 32 -7.21 -10.17 23.54
N ASN A 33 -7.67 -8.93 23.43
CA ASN A 33 -7.31 -8.07 22.33
C ASN A 33 -7.60 -8.60 20.94
N ALA A 34 -8.64 -9.42 20.80
CA ALA A 34 -9.01 -9.95 19.49
C ALA A 34 -9.21 -8.77 18.52
N LEU A 35 -8.81 -8.96 17.28
CA LEU A 35 -8.87 -7.88 16.32
C LEU A 35 -10.11 -7.85 15.44
N ASP A 36 -10.95 -6.84 15.68
CA ASP A 36 -12.14 -6.64 14.88
C ASP A 36 -11.79 -5.66 13.77
N VAL A 37 -12.71 -5.48 12.82
CA VAL A 37 -12.42 -4.59 11.70
C VAL A 37 -12.08 -3.15 12.10
N ALA A 38 -12.73 -2.61 13.13
CA ALA A 38 -12.42 -1.23 13.52
C ALA A 38 -10.99 -1.08 14.04
N THR A 39 -10.50 -2.09 14.75
CA THR A 39 -9.14 -2.02 15.28
C THR A 39 -8.12 -2.10 14.12
N ILE A 40 -8.42 -2.99 13.17
CA ILE A 40 -7.56 -3.13 11.99
C ILE A 40 -7.49 -1.77 11.28
N GLU A 41 -8.63 -1.08 11.13
CA GLU A 41 -8.59 0.23 10.47
C GLU A 41 -7.78 1.24 11.24
N GLU A 42 -7.83 1.19 12.56
CA GLU A 42 -7.00 2.12 13.32
C GLU A 42 -5.52 1.78 13.16
N LEU A 43 -5.20 0.49 12.99
CA LEU A 43 -3.80 0.11 12.76
C LEU A 43 -3.37 0.62 11.37
N VAL A 44 -4.26 0.54 10.38
CA VAL A 44 -3.94 1.06 9.04
C VAL A 44 -3.64 2.57 9.18
N THR A 45 -4.53 3.31 9.85
CA THR A 45 -4.33 4.73 10.00
C THR A 45 -3.07 5.08 10.76
N PHE A 46 -2.86 4.44 11.92
CA PHE A 46 -1.67 4.76 12.68
C PHE A 46 -0.35 4.48 11.94
N PHE A 47 -0.26 3.28 11.35
CA PHE A 47 0.95 2.93 10.65
C PHE A 47 1.12 3.53 9.26
N SER A 48 0.06 4.12 8.72
CA SER A 48 0.17 4.83 7.44
C SER A 48 0.75 6.22 7.68
N THR A 49 0.53 6.77 8.88
CA THR A 49 0.99 8.13 9.15
C THR A 49 2.12 8.28 10.17
N ALA A 50 2.49 7.20 10.84
CA ALA A 50 3.50 7.32 11.88
C ALA A 50 4.81 7.95 11.48
N HIS A 51 5.33 7.53 10.33
CA HIS A 51 6.58 8.09 9.87
C HIS A 51 6.47 9.61 9.61
N ARG A 52 5.43 10.03 8.88
CA ARG A 52 5.31 11.46 8.60
C ARG A 52 4.95 12.28 9.85
N LYS A 53 4.38 11.62 10.87
CA LYS A 53 4.06 12.35 12.09
C LYS A 53 5.24 12.46 13.04
N GLY A 54 6.38 11.88 12.66
CA GLY A 54 7.60 11.96 13.43
C GLY A 54 7.89 10.89 14.47
N VAL A 55 7.10 9.82 14.47
CA VAL A 55 7.34 8.73 15.43
C VAL A 55 8.70 8.08 15.10
N ARG A 56 9.52 7.88 16.12
CA ARG A 56 10.87 7.31 15.90
C ARG A 56 10.96 5.80 16.05
N ALA A 57 10.08 5.23 16.86
CA ALA A 57 10.04 3.77 17.05
C ALA A 57 8.75 3.49 17.76
N VAL A 58 8.26 2.28 17.63
CA VAL A 58 7.03 1.88 18.26
C VAL A 58 7.25 0.64 19.11
N VAL A 59 6.68 0.63 20.32
CA VAL A 59 6.69 -0.58 21.14
C VAL A 59 5.22 -1.01 21.11
N LEU A 60 4.98 -2.18 20.53
CA LEU A 60 3.63 -2.71 20.37
C LEU A 60 3.36 -3.74 21.44
N THR A 61 2.27 -3.58 22.15
CA THR A 61 1.95 -4.53 23.19
C THR A 61 0.45 -4.75 23.30
N GLY A 62 0.06 -5.77 24.05
CA GLY A 62 -1.36 -6.04 24.27
C GLY A 62 -1.66 -5.82 25.74
N ALA A 63 -2.74 -5.11 26.06
CA ALA A 63 -3.08 -4.88 27.45
C ALA A 63 -3.38 -6.23 28.07
N GLY A 64 -2.97 -6.42 29.32
CA GLY A 64 -3.31 -7.67 29.96
C GLY A 64 -2.31 -8.79 29.87
N ASP A 65 -2.75 -10.01 30.20
CA ASP A 65 -1.85 -11.17 30.23
C ASP A 65 -1.58 -11.82 28.88
N HIS A 66 -2.36 -11.43 27.86
CA HIS A 66 -2.23 -12.06 26.53
C HIS A 66 -2.11 -11.03 25.44
N PHE A 67 -1.07 -11.17 24.65
CA PHE A 67 -0.83 -10.21 23.57
C PHE A 67 -2.04 -10.04 22.63
N CYS A 68 -2.45 -11.11 21.97
CA CYS A 68 -3.55 -11.02 21.01
C CYS A 68 -4.02 -12.38 20.57
N ALA A 69 -5.33 -12.61 20.71
CA ALA A 69 -5.95 -13.87 20.38
C ALA A 69 -6.29 -14.03 18.91
N GLY A 70 -6.09 -12.99 18.12
CA GLY A 70 -6.40 -13.08 16.70
C GLY A 70 -7.72 -12.45 16.27
N LEU A 71 -8.29 -13.05 15.24
CA LEU A 71 -9.55 -12.58 14.63
C LEU A 71 -10.67 -12.55 15.65
N ASP A 72 -11.40 -11.43 15.67
CA ASP A 72 -12.54 -11.32 16.59
C ASP A 72 -13.62 -12.23 15.99
N LEU A 73 -13.80 -13.39 16.59
CA LEU A 73 -14.75 -14.38 16.09
C LEU A 73 -16.21 -14.06 16.35
N VAL A 74 -16.48 -13.24 17.36
CA VAL A 74 -17.85 -12.87 17.69
C VAL A 74 -18.32 -11.96 16.55
N GLU A 75 -17.48 -11.01 16.17
CA GLU A 75 -17.83 -10.10 15.08
C GLU A 75 -17.96 -10.92 13.83
N HIS A 76 -17.00 -11.80 13.62
CA HIS A 76 -16.98 -12.64 12.44
C HIS A 76 -18.26 -13.47 12.27
N TRP A 77 -18.59 -14.30 13.26
CA TRP A 77 -19.78 -15.14 13.20
C TRP A 77 -21.05 -14.32 12.98
N LYS A 78 -21.15 -13.19 13.67
CA LYS A 78 -22.32 -12.32 13.57
C LYS A 78 -22.45 -11.60 12.25
N ALA A 79 -21.32 -11.33 11.59
CA ALA A 79 -21.35 -10.65 10.30
C ALA A 79 -21.84 -11.56 9.18
N ASP A 80 -21.88 -12.86 9.41
CA ASP A 80 -22.34 -13.81 8.39
C ASP A 80 -21.74 -13.41 7.05
N ARG A 81 -20.42 -13.49 6.97
CA ARG A 81 -19.69 -13.08 5.79
C ARG A 81 -19.65 -14.05 4.61
N SER A 82 -19.79 -13.47 3.41
CA SER A 82 -19.67 -14.22 2.17
C SER A 82 -18.14 -14.27 1.88
N ALA A 83 -17.76 -15.10 0.91
CA ALA A 83 -16.34 -15.19 0.57
C ALA A 83 -15.75 -13.84 0.20
N ASP A 84 -16.50 -13.03 -0.56
CA ASP A 84 -15.95 -11.72 -0.92
C ASP A 84 -15.89 -10.76 0.27
N ASP A 85 -16.86 -10.82 1.18
CA ASP A 85 -16.82 -9.98 2.35
C ASP A 85 -15.56 -10.32 3.16
N PHE A 86 -15.28 -11.61 3.32
CA PHE A 86 -14.14 -11.97 4.15
C PHE A 86 -12.81 -11.65 3.45
N MET A 87 -12.77 -11.88 2.13
CA MET A 87 -11.58 -11.51 1.34
C MET A 87 -11.31 -10.03 1.61
N HIS A 88 -12.36 -9.19 1.59
CA HIS A 88 -12.11 -7.76 1.81
C HIS A 88 -11.58 -7.47 3.21
N VAL A 89 -12.07 -8.19 4.22
CA VAL A 89 -11.55 -8.01 5.56
C VAL A 89 -10.05 -8.38 5.55
N CYS A 90 -9.72 -9.49 4.89
CA CYS A 90 -8.30 -9.89 4.87
C CYS A 90 -7.44 -8.83 4.18
N LEU A 91 -7.96 -8.19 3.13
CA LEU A 91 -7.15 -7.14 2.52
C LEU A 91 -6.87 -5.99 3.48
N ARG A 92 -7.82 -5.71 4.38
CA ARG A 92 -7.57 -4.64 5.34
C ARG A 92 -6.47 -5.06 6.36
N TRP A 93 -6.53 -6.32 6.82
CA TRP A 93 -5.48 -6.84 7.70
C TRP A 93 -4.12 -6.67 7.00
N HIS A 94 -4.07 -7.08 5.73
CA HIS A 94 -2.82 -6.98 5.00
C HIS A 94 -2.36 -5.54 4.81
N GLU A 95 -3.30 -4.60 4.61
CA GLU A 95 -2.90 -3.23 4.48
C GLU A 95 -2.26 -2.75 5.78
N ALA A 96 -2.85 -3.10 6.93
CA ALA A 96 -2.27 -2.67 8.18
C ALA A 96 -0.85 -3.23 8.38
N PHE A 97 -0.72 -4.53 8.14
CA PHE A 97 0.57 -5.17 8.35
C PHE A 97 1.63 -4.76 7.33
N ASN A 98 1.22 -4.46 6.10
CA ASN A 98 2.16 -3.93 5.09
C ASN A 98 2.64 -2.55 5.54
N LYS A 99 1.75 -1.72 6.09
CA LYS A 99 2.19 -0.40 6.56
C LYS A 99 3.15 -0.52 7.73
N MET A 100 2.98 -1.56 8.55
CA MET A 100 3.91 -1.81 9.63
C MET A 100 5.25 -2.30 9.08
N GLU A 101 5.21 -3.35 8.26
CA GLU A 101 6.44 -3.91 7.77
C GLU A 101 7.27 -3.01 6.87
N TYR A 102 6.60 -2.35 5.93
CA TYR A 102 7.32 -1.54 4.94
C TYR A 102 7.28 -0.05 5.24
N GLY A 103 6.67 0.32 6.36
CA GLY A 103 6.53 1.74 6.70
C GLY A 103 7.76 2.51 7.12
N GLY A 104 8.85 1.86 7.49
CA GLY A 104 10.03 2.61 7.86
C GLY A 104 10.15 3.05 9.29
N VAL A 105 9.17 2.70 10.13
CA VAL A 105 9.26 3.06 11.56
C VAL A 105 9.52 1.74 12.29
N PRO A 106 10.66 1.62 12.99
CA PRO A 106 10.97 0.38 13.71
C PRO A 106 9.85 0.01 14.68
N ILE A 107 9.44 -1.24 14.68
CA ILE A 107 8.38 -1.71 15.56
C ILE A 107 8.93 -2.89 16.34
N ILE A 108 8.86 -2.79 17.66
CA ILE A 108 9.34 -3.81 18.58
C ILE A 108 8.14 -4.31 19.38
N ALA A 109 7.76 -5.58 19.23
CA ALA A 109 6.60 -6.12 19.93
C ALA A 109 7.00 -6.70 21.27
N ALA A 110 6.31 -6.29 22.34
CA ALA A 110 6.58 -6.80 23.70
C ALA A 110 5.48 -7.84 23.97
N LEU A 111 5.85 -9.10 23.80
CA LEU A 111 4.89 -10.20 23.91
C LEU A 111 4.73 -10.80 25.29
N ARG A 112 3.49 -11.23 25.58
CA ARG A 112 3.16 -11.89 26.85
C ARG A 112 2.03 -12.85 26.52
N GLY A 113 2.01 -14.00 27.18
CA GLY A 113 0.94 -14.94 27.00
C GLY A 113 0.71 -15.42 25.58
N ALA A 114 -0.56 -15.60 25.23
CA ALA A 114 -0.93 -16.13 23.92
C ALA A 114 -0.73 -15.19 22.75
N VAL A 115 0.15 -15.61 21.82
CA VAL A 115 0.43 -14.87 20.56
C VAL A 115 -0.06 -15.91 19.54
N VAL A 116 -1.37 -15.88 19.28
CA VAL A 116 -2.01 -16.92 18.50
C VAL A 116 -2.87 -16.46 17.35
N GLY A 117 -2.82 -17.25 16.28
CA GLY A 117 -3.60 -16.95 15.09
C GLY A 117 -3.29 -15.58 14.52
N GLY A 118 -4.33 -14.78 14.31
CA GLY A 118 -4.12 -13.42 13.83
C GLY A 118 -3.20 -12.61 14.75
N GLY A 119 -3.09 -13.02 16.02
CA GLY A 119 -2.22 -12.35 16.97
C GLY A 119 -0.76 -12.61 16.62
N LEU A 120 -0.48 -13.82 16.13
CA LEU A 120 0.87 -14.10 15.66
C LEU A 120 1.09 -13.35 14.32
N GLU A 121 0.03 -13.21 13.53
CA GLU A 121 0.19 -12.42 12.29
C GLU A 121 0.52 -10.96 12.62
N LEU A 122 -0.14 -10.38 13.64
CA LEU A 122 0.19 -9.02 14.06
C LEU A 122 1.62 -8.94 14.60
N ALA A 123 2.00 -9.89 15.46
CA ALA A 123 3.36 -9.87 15.99
C ALA A 123 4.41 -9.99 14.89
N SER A 124 4.08 -10.76 13.85
CA SER A 124 5.03 -11.00 12.75
C SER A 124 5.24 -9.77 11.90
N ALA A 125 4.29 -8.83 11.97
CA ALA A 125 4.39 -7.58 11.19
C ALA A 125 5.37 -6.60 11.85
N ALA A 126 5.76 -6.87 13.10
CA ALA A 126 6.76 -6.03 13.75
C ALA A 126 8.15 -6.45 13.23
N HIS A 127 9.14 -5.59 13.41
CA HIS A 127 10.48 -5.92 13.00
C HIS A 127 11.15 -6.82 14.03
N LEU A 128 11.00 -6.47 15.30
CA LEU A 128 11.59 -7.24 16.39
C LEU A 128 10.49 -7.71 17.33
N ARG A 129 10.71 -8.90 17.88
CA ARG A 129 9.79 -9.47 18.87
C ARG A 129 10.56 -9.86 20.13
N VAL A 130 9.99 -9.49 21.29
CA VAL A 130 10.57 -9.82 22.59
C VAL A 130 9.51 -10.65 23.32
N MET A 131 9.88 -11.86 23.67
CA MET A 131 8.98 -12.76 24.37
C MET A 131 9.41 -12.94 25.81
N ASP A 132 8.43 -13.25 26.68
CA ASP A 132 8.78 -13.47 28.09
C ASP A 132 8.51 -14.95 28.43
N GLN A 133 8.60 -15.27 29.73
CA GLN A 133 8.43 -16.64 30.16
C GLN A 133 7.01 -17.21 30.07
N SER A 134 6.03 -16.34 29.82
CA SER A 134 4.64 -16.77 29.73
C SER A 134 4.17 -16.85 28.27
N THR A 135 5.04 -16.43 27.35
CA THR A 135 4.63 -16.33 25.96
C THR A 135 4.57 -17.65 25.19
N TYR A 136 3.51 -17.85 24.43
CA TYR A 136 3.44 -19.02 23.58
C TYR A 136 2.85 -18.65 22.24
N PHE A 137 3.20 -19.43 21.23
CA PHE A 137 2.83 -19.16 19.84
C PHE A 137 2.14 -20.33 19.19
N ALA A 138 1.10 -20.04 18.42
CA ALA A 138 0.40 -21.10 17.69
C ALA A 138 -0.49 -20.50 16.62
N LEU A 139 -0.90 -21.34 15.69
CA LEU A 139 -1.89 -20.97 14.65
C LEU A 139 -2.91 -22.09 14.85
N PRO A 140 -3.67 -22.04 15.96
CA PRO A 140 -4.67 -23.07 16.31
C PRO A 140 -5.92 -23.19 15.48
N GLU A 141 -6.26 -22.14 14.75
CA GLU A 141 -7.49 -22.16 13.97
C GLU A 141 -7.49 -23.15 12.82
N GLY A 142 -6.30 -23.53 12.37
CA GLY A 142 -6.17 -24.44 11.27
C GLY A 142 -6.95 -25.71 11.55
N GLN A 143 -6.82 -26.23 12.76
CA GLN A 143 -7.56 -27.44 13.11
C GLN A 143 -9.05 -27.18 13.25
N ARG A 144 -9.42 -25.91 13.39
CA ARG A 144 -10.82 -25.54 13.49
C ARG A 144 -11.35 -25.24 12.08
N GLY A 145 -10.55 -25.55 11.06
CA GLY A 145 -10.97 -25.31 9.68
C GLY A 145 -10.68 -23.91 9.15
N ILE A 146 -9.98 -23.09 9.94
CA ILE A 146 -9.70 -21.70 9.53
C ILE A 146 -8.32 -21.50 8.96
N PHE A 147 -8.26 -20.92 7.77
CA PHE A 147 -6.98 -20.63 7.10
C PHE A 147 -6.56 -19.22 7.55
N THR A 148 -5.25 -19.02 7.68
CA THR A 148 -4.68 -17.71 8.07
C THR A 148 -4.72 -16.77 6.86
N GLY A 149 -5.44 -15.65 7.01
CA GLY A 149 -5.58 -14.71 5.90
C GLY A 149 -5.01 -13.34 6.20
N GLY A 150 -4.13 -13.27 7.21
CA GLY A 150 -3.52 -12.02 7.61
C GLY A 150 -1.99 -12.04 7.50
N GLY A 151 -1.48 -12.83 6.58
CA GLY A 151 -0.05 -12.85 6.35
C GLY A 151 0.78 -13.93 6.98
N ALA A 152 0.18 -14.83 7.75
CA ALA A 152 1.03 -15.86 8.35
C ALA A 152 1.79 -16.66 7.33
N THR A 153 1.17 -16.92 6.18
CA THR A 153 1.84 -17.78 5.18
C THR A 153 3.07 -17.10 4.60
N ILE A 154 3.13 -15.78 4.73
CA ILE A 154 4.23 -14.98 4.24
C ILE A 154 5.23 -14.72 5.35
N ARG A 155 4.81 -14.01 6.39
CA ARG A 155 5.74 -13.61 7.43
C ARG A 155 6.19 -14.70 8.37
N VAL A 156 5.28 -15.57 8.79
CA VAL A 156 5.73 -16.64 9.68
C VAL A 156 6.65 -17.55 8.90
N SER A 157 6.37 -17.79 7.60
CA SER A 157 7.31 -18.61 6.83
C SER A 157 8.67 -17.92 6.76
N ASP A 158 8.68 -16.60 6.62
CA ASP A 158 9.95 -15.85 6.58
C ASP A 158 10.67 -15.93 7.92
N MET A 159 9.91 -16.09 9.01
CA MET A 159 10.48 -16.17 10.36
C MET A 159 11.04 -17.54 10.75
N ILE A 160 10.31 -18.60 10.40
CA ILE A 160 10.67 -19.93 10.88
C ILE A 160 10.87 -20.98 9.78
N GLY A 161 10.61 -20.59 8.53
CA GLY A 161 10.71 -21.54 7.43
C GLY A 161 9.36 -22.01 6.96
N LYS A 162 9.18 -22.11 5.66
CA LYS A 162 7.93 -22.54 5.11
C LYS A 162 7.42 -23.87 5.66
N TYR A 163 8.32 -24.84 5.88
CA TYR A 163 7.83 -26.14 6.34
C TYR A 163 7.44 -26.14 7.81
N ARG A 164 8.04 -25.25 8.58
CA ARG A 164 7.63 -25.16 9.99
C ARG A 164 6.31 -24.39 10.08
N MET A 165 6.11 -23.41 9.19
CA MET A 165 4.85 -22.67 9.22
C MET A 165 3.71 -23.62 8.76
N ILE A 166 3.97 -24.43 7.73
CA ILE A 166 2.96 -25.38 7.27
C ILE A 166 2.61 -26.32 8.44
N ASP A 167 3.63 -26.81 9.15
CA ASP A 167 3.40 -27.69 10.29
C ASP A 167 2.53 -26.98 11.34
N MET A 168 2.86 -25.74 11.68
CA MET A 168 2.06 -25.03 12.68
C MET A 168 0.59 -24.94 12.32
N ILE A 169 0.26 -24.58 11.08
CA ILE A 169 -1.16 -24.45 10.77
C ILE A 169 -1.85 -25.80 10.51
N LEU A 170 -1.11 -26.77 9.99
CA LEU A 170 -1.69 -28.07 9.71
C LEU A 170 -2.01 -28.89 10.99
N THR A 171 -1.19 -28.70 12.03
CA THR A 171 -1.32 -29.48 13.27
C THR A 171 -1.68 -28.72 14.53
N GLY A 172 -1.58 -27.39 14.49
CA GLY A 172 -1.89 -26.61 15.69
C GLY A 172 -0.77 -26.65 16.72
N ARG A 173 0.41 -27.09 16.30
CA ARG A 173 1.56 -27.17 17.20
C ARG A 173 1.91 -25.86 17.91
N VAL A 174 2.19 -25.97 19.21
CA VAL A 174 2.52 -24.82 20.02
C VAL A 174 4.00 -24.76 20.33
N TYR A 175 4.54 -23.56 20.31
CA TYR A 175 5.92 -23.33 20.69
C TYR A 175 6.01 -22.28 21.77
N GLN A 176 6.94 -22.46 22.71
CA GLN A 176 7.13 -21.48 23.77
C GLN A 176 8.55 -21.61 24.27
N GLY A 177 8.91 -20.70 25.18
CA GLY A 177 10.24 -20.72 25.77
C GLY A 177 11.38 -20.58 24.79
N GLN A 178 12.55 -21.05 25.21
CA GLN A 178 13.73 -20.95 24.39
C GLN A 178 13.54 -21.63 23.05
N GLU A 179 12.76 -22.71 23.03
CA GLU A 179 12.52 -23.43 21.80
C GLU A 179 11.88 -22.50 20.77
N ALA A 180 10.96 -21.66 21.21
CA ALA A 180 10.29 -20.72 20.29
C ALA A 180 11.26 -19.66 19.80
N ALA A 181 12.10 -19.12 20.66
CA ALA A 181 13.06 -18.09 20.25
C ALA A 181 14.04 -18.69 19.22
N ASP A 182 14.50 -19.91 19.52
CA ASP A 182 15.47 -20.58 18.64
C ASP A 182 14.87 -20.92 17.28
N LEU A 183 13.56 -21.17 17.24
CA LEU A 183 12.86 -21.53 15.99
C LEU A 183 12.78 -20.31 15.06
N GLY A 184 12.81 -19.11 15.63
CA GLY A 184 12.68 -17.91 14.83
C GLY A 184 11.41 -17.12 15.13
N LEU A 185 10.67 -17.48 16.17
CA LEU A 185 9.43 -16.75 16.48
C LEU A 185 9.69 -15.41 17.16
N ALA A 186 10.83 -15.26 17.84
CA ALA A 186 11.19 -13.98 18.48
C ALA A 186 12.71 -13.91 18.60
N GLN A 187 13.27 -12.73 18.32
CA GLN A 187 14.72 -12.57 18.41
C GLN A 187 15.21 -12.44 19.85
N TYR A 188 14.32 -12.01 20.74
CA TYR A 188 14.71 -11.81 22.15
C TYR A 188 13.78 -12.53 23.09
N ILE A 189 14.37 -13.17 24.11
CA ILE A 189 13.59 -13.82 25.14
C ILE A 189 14.16 -13.34 26.46
N THR A 190 13.27 -12.94 27.36
CA THR A 190 13.73 -12.42 28.64
C THR A 190 13.11 -13.19 29.79
N GLU A 191 13.85 -13.25 30.90
CA GLU A 191 13.36 -13.87 32.14
C GLU A 191 12.57 -12.82 32.92
N GLY A 192 12.64 -11.57 32.47
CA GLY A 192 11.94 -10.49 33.14
C GLY A 192 10.79 -9.93 32.30
N SER A 193 10.68 -8.61 32.31
CA SER A 193 9.62 -7.89 31.61
C SER A 193 9.91 -7.73 30.11
N SER A 194 9.04 -8.28 29.28
CA SER A 194 9.25 -8.10 27.84
C SER A 194 9.01 -6.63 27.48
N PHE A 195 8.10 -5.95 28.18
CA PHE A 195 7.90 -4.54 27.92
C PHE A 195 9.17 -3.74 28.21
N ASP A 196 9.81 -3.99 29.36
CA ASP A 196 10.99 -3.22 29.67
C ASP A 196 12.15 -3.48 28.70
N LYS A 197 12.29 -4.74 28.26
CA LYS A 197 13.34 -5.09 27.31
C LYS A 197 13.04 -4.42 25.96
N ALA A 198 11.78 -4.44 25.54
CA ALA A 198 11.39 -3.79 24.27
C ALA A 198 11.70 -2.28 24.35
N MET A 199 11.39 -1.66 25.50
CA MET A 199 11.67 -0.25 25.66
C MET A 199 13.17 0.04 25.61
N GLU A 200 13.99 -0.84 26.18
CA GLU A 200 15.43 -0.67 26.15
C GLU A 200 15.89 -0.67 24.69
N LEU A 201 15.38 -1.64 23.94
CA LEU A 201 15.75 -1.74 22.52
C LEU A 201 15.26 -0.53 21.75
N ALA A 202 14.00 -0.16 21.98
CA ALA A 202 13.38 0.98 21.30
C ALA A 202 14.11 2.30 21.58
N ASP A 203 14.51 2.52 22.84
CA ASP A 203 15.19 3.76 23.15
C ASP A 203 16.51 3.84 22.43
N LYS A 204 17.22 2.72 22.34
CA LYS A 204 18.50 2.72 21.63
C LYS A 204 18.26 2.96 20.13
N ILE A 205 17.27 2.28 19.57
CA ILE A 205 16.97 2.48 18.15
C ILE A 205 16.59 3.94 17.87
N ALA A 206 15.79 4.55 18.75
CA ALA A 206 15.35 5.93 18.54
C ALA A 206 16.51 6.94 18.57
N SER A 207 17.65 6.54 19.13
CA SER A 207 18.81 7.42 19.16
C SER A 207 19.61 7.35 17.85
N ASN A 208 19.22 6.46 16.94
CA ASN A 208 19.93 6.35 15.64
C ASN A 208 19.34 7.39 14.71
N LEU A 209 19.96 7.54 13.54
CA LEU A 209 19.47 8.49 12.55
C LEU A 209 18.12 8.05 11.95
N PRO A 210 17.18 8.98 11.81
CA PRO A 210 15.86 8.67 11.25
C PRO A 210 15.95 7.96 9.87
N LEU A 211 16.81 8.48 8.99
CA LEU A 211 16.90 7.90 7.65
C LEU A 211 17.49 6.49 7.69
N THR A 212 18.48 6.25 8.54
CA THR A 212 19.06 4.93 8.61
C THR A 212 18.01 3.93 9.07
N ASN A 213 17.26 4.25 10.12
CA ASN A 213 16.22 3.35 10.58
C ASN A 213 15.14 3.20 9.51
N PHE A 214 14.83 4.26 8.77
CA PHE A 214 13.77 4.16 7.76
C PHE A 214 14.19 3.13 6.73
N ALA A 215 15.42 3.20 6.26
CA ALA A 215 15.91 2.23 5.25
C ALA A 215 15.96 0.82 5.81
N ILE A 216 16.46 0.66 7.02
CA ILE A 216 16.50 -0.66 7.62
C ILE A 216 15.11 -1.25 7.73
N CYS A 217 14.12 -0.44 8.05
CA CYS A 217 12.76 -0.91 8.27
C CYS A 217 11.81 -0.80 7.09
N SER A 218 12.37 -0.73 5.90
CA SER A 218 11.54 -0.78 4.70
C SER A 218 12.30 -1.48 3.56
N ALA A 219 13.58 -1.14 3.37
CA ALA A 219 14.32 -1.67 2.21
C ALA A 219 14.62 -3.13 2.25
N ILE A 220 14.94 -3.62 3.43
CA ILE A 220 15.33 -5.02 3.54
C ILE A 220 14.17 -5.94 3.17
N SER A 221 12.96 -5.67 3.64
CA SER A 221 11.82 -6.50 3.23
C SER A 221 11.64 -6.42 1.72
N HIS A 222 11.78 -5.24 1.11
CA HIS A 222 11.64 -5.19 -0.35
C HIS A 222 12.70 -5.99 -1.06
N MET A 223 13.96 -5.91 -0.59
CA MET A 223 15.05 -6.65 -1.27
C MET A 223 14.81 -8.16 -1.24
N GLN A 224 14.15 -8.63 -0.17
CA GLN A 224 13.93 -10.05 -0.05
C GLN A 224 12.87 -10.55 -1.02
N ASN A 225 12.14 -9.63 -1.68
CA ASN A 225 11.10 -10.02 -2.62
C ASN A 225 11.62 -10.10 -4.05
N MET A 226 12.91 -9.83 -4.25
CA MET A 226 13.44 -9.89 -5.62
C MET A 226 14.59 -10.85 -5.75
N SER A 227 15.01 -11.10 -6.99
CA SER A 227 16.19 -11.91 -7.21
C SER A 227 17.35 -11.16 -6.56
N GLY A 228 18.28 -11.91 -5.96
CA GLY A 228 19.43 -11.27 -5.38
C GLY A 228 20.23 -10.46 -6.41
N LEU A 229 20.17 -10.82 -7.69
CA LEU A 229 20.93 -10.07 -8.69
C LEU A 229 20.31 -8.71 -9.01
N ASP A 230 19.01 -8.53 -8.73
CA ASP A 230 18.38 -7.22 -8.91
C ASP A 230 18.41 -6.46 -7.58
N ALA A 231 18.26 -7.16 -6.45
CA ALA A 231 18.38 -6.49 -5.16
C ALA A 231 19.76 -5.87 -4.98
N ALA A 232 20.79 -6.47 -5.57
CA ALA A 232 22.14 -5.91 -5.45
C ALA A 232 22.14 -4.46 -5.94
N TYR A 233 21.50 -4.22 -7.07
CA TYR A 233 21.47 -2.86 -7.61
C TYR A 233 20.66 -1.93 -6.73
N ALA A 234 19.48 -2.36 -6.31
CA ALA A 234 18.68 -1.51 -5.43
C ALA A 234 19.40 -1.20 -4.12
N GLU A 235 20.06 -2.20 -3.54
CA GLU A 235 20.77 -1.97 -2.28
C GLU A 235 21.85 -0.93 -2.42
N ALA A 236 22.52 -0.90 -3.57
CA ALA A 236 23.57 0.11 -3.78
C ALA A 236 23.00 1.53 -3.74
N PHE A 237 21.80 1.73 -4.28
CA PHE A 237 21.17 3.05 -4.25
C PHE A 237 20.73 3.39 -2.81
N VAL A 238 20.22 2.40 -2.08
CA VAL A 238 19.82 2.68 -0.69
C VAL A 238 21.05 3.07 0.10
N GLY A 239 22.15 2.32 -0.04
CA GLY A 239 23.36 2.70 0.67
C GLY A 239 23.85 4.09 0.23
N GLY A 240 23.75 4.39 -1.06
CA GLY A 240 24.20 5.69 -1.53
C GLY A 240 23.48 6.84 -0.84
N ILE A 241 22.17 6.74 -0.72
CA ILE A 241 21.41 7.81 -0.08
C ILE A 241 21.61 7.83 1.43
N VAL A 242 21.55 6.68 2.09
CA VAL A 242 21.68 6.68 3.54
C VAL A 242 23.04 7.09 4.06
N ASN A 243 24.10 6.62 3.41
CA ASN A 243 25.46 6.83 3.93
C ASN A 243 26.14 8.13 3.60
N THR A 244 25.46 8.97 2.84
CA THR A 244 26.04 10.27 2.48
C THR A 244 25.21 11.44 2.99
N GLN A 245 24.23 11.15 3.85
CA GLN A 245 23.37 12.20 4.44
C GLN A 245 24.33 13.02 5.33
N PRO A 246 24.13 14.34 5.43
CA PRO A 246 25.01 15.18 6.27
C PRO A 246 25.12 14.64 7.70
N ALA A 247 23.98 14.30 8.28
CA ALA A 247 23.94 13.76 9.63
C ALA A 247 24.78 12.50 9.75
N ALA A 248 24.75 11.66 8.71
CA ALA A 248 25.54 10.44 8.74
C ALA A 248 27.02 10.80 8.78
N THR B 2 -25.12 8.13 0.88
CA THR B 2 -23.86 7.37 1.16
C THR B 2 -22.91 8.24 1.98
N GLN B 3 -21.63 7.93 1.90
CA GLN B 3 -20.60 8.68 2.60
C GLN B 3 -20.21 9.87 1.72
N ASP B 4 -19.72 10.93 2.33
CA ASP B 4 -19.30 12.09 1.56
C ASP B 4 -17.99 11.74 0.86
N VAL B 5 -17.99 11.95 -0.44
CA VAL B 5 -16.84 11.68 -1.30
C VAL B 5 -16.10 12.93 -1.78
N THR B 6 -16.86 14.00 -1.97
CA THR B 6 -16.30 15.18 -2.61
C THR B 6 -15.81 16.32 -1.77
N SER B 7 -16.12 16.31 -0.46
CA SER B 7 -15.71 17.43 0.36
C SER B 7 -14.35 17.33 1.04
N GLY B 8 -13.80 18.48 1.38
CA GLY B 8 -12.55 18.53 2.13
C GLY B 8 -11.24 18.59 1.37
N TYR B 9 -11.30 18.68 0.06
CA TYR B 9 -10.12 18.73 -0.79
C TYR B 9 -9.85 20.14 -1.30
N SER B 10 -8.58 20.47 -1.53
CA SER B 10 -8.19 21.78 -2.07
C SER B 10 -7.57 21.68 -3.45
N ASN B 11 -6.86 20.59 -3.71
CA ASN B 11 -6.14 20.42 -4.97
C ASN B 11 -6.77 19.47 -6.00
N LEU B 12 -7.98 19.03 -5.73
CA LEU B 12 -8.72 18.21 -6.65
C LEU B 12 -10.14 18.74 -6.69
N ASP B 13 -10.70 18.85 -7.89
CA ASP B 13 -12.09 19.23 -8.04
C ASP B 13 -12.76 17.88 -8.20
N LEU B 14 -13.81 17.65 -7.42
CA LEU B 14 -14.52 16.36 -7.42
C LEU B 14 -16.00 16.50 -7.72
N ASP B 15 -16.51 15.66 -8.60
CA ASP B 15 -17.92 15.71 -8.99
C ASP B 15 -18.46 14.29 -9.02
N LEU B 16 -19.27 13.94 -8.03
CA LEU B 16 -19.84 12.61 -7.96
C LEU B 16 -21.19 12.52 -8.63
N ARG B 17 -21.30 11.66 -9.65
CA ARG B 17 -22.55 11.49 -10.39
C ARG B 17 -23.43 10.46 -9.70
N ASP B 18 -24.72 10.48 -10.05
CA ASP B 18 -25.69 9.59 -9.43
C ASP B 18 -25.46 8.10 -9.58
N ASN B 19 -24.72 7.70 -10.61
CA ASN B 19 -24.44 6.28 -10.82
C ASN B 19 -23.13 5.85 -10.19
N GLY B 20 -22.52 6.74 -9.42
CA GLY B 20 -21.28 6.38 -8.73
C GLY B 20 -19.98 6.72 -9.45
N VAL B 21 -20.08 7.34 -10.62
CA VAL B 21 -18.87 7.74 -11.33
C VAL B 21 -18.44 9.06 -10.71
N CYS B 22 -17.19 9.17 -10.29
CA CYS B 22 -16.67 10.40 -9.73
C CYS B 22 -15.65 11.01 -10.67
N VAL B 23 -15.89 12.26 -11.10
CA VAL B 23 -14.93 12.94 -11.95
C VAL B 23 -13.92 13.57 -10.99
N VAL B 24 -12.63 13.29 -11.20
CA VAL B 24 -11.54 13.84 -10.40
C VAL B 24 -10.75 14.69 -11.36
N THR B 25 -10.69 15.99 -11.08
CA THR B 25 -10.06 16.94 -11.97
C THR B 25 -8.94 17.75 -11.34
N LEU B 26 -7.76 17.72 -11.96
CA LEU B 26 -6.62 18.50 -11.48
C LEU B 26 -7.06 19.93 -11.73
N ASN B 27 -6.77 20.82 -10.79
CA ASN B 27 -7.32 22.18 -10.88
C ASN B 27 -6.39 23.38 -10.91
N ARG B 28 -5.22 23.22 -11.51
CA ARG B 28 -4.27 24.32 -11.63
C ARG B 28 -3.77 24.47 -13.04
N PRO B 29 -4.68 24.84 -13.97
CA PRO B 29 -4.28 25.00 -15.37
C PRO B 29 -3.22 26.07 -15.58
N ASP B 30 -3.11 27.00 -14.64
CA ASP B 30 -2.11 28.06 -14.75
C ASP B 30 -0.70 27.48 -14.72
N LYS B 31 -0.55 26.25 -14.20
CA LYS B 31 0.76 25.62 -14.18
C LYS B 31 0.67 24.25 -14.84
N ARG B 32 -0.27 24.13 -15.77
CA ARG B 32 -0.52 22.90 -16.52
C ARG B 32 -0.67 21.73 -15.57
N ASN B 33 -1.35 21.97 -14.48
CA ASN B 33 -1.64 20.96 -13.46
C ASN B 33 -0.43 20.20 -12.90
N ALA B 34 0.72 20.89 -12.82
CA ALA B 34 1.93 20.28 -12.28
C ALA B 34 1.62 19.74 -10.89
N LEU B 35 2.18 18.57 -10.58
CA LEU B 35 1.86 17.95 -9.31
C LEU B 35 2.85 18.27 -8.21
N ASP B 36 2.37 19.00 -7.19
CA ASP B 36 3.17 19.32 -6.04
C ASP B 36 2.86 18.27 -4.95
N VAL B 37 3.66 18.30 -3.88
CA VAL B 37 3.45 17.29 -2.84
C VAL B 37 2.04 17.30 -2.23
N ALA B 38 1.42 18.48 -2.09
CA ALA B 38 0.10 18.50 -1.50
C ALA B 38 -0.96 17.82 -2.39
N THR B 39 -0.82 17.95 -3.72
CA THR B 39 -1.76 17.29 -4.63
C THR B 39 -1.57 15.78 -4.57
N ILE B 40 -0.31 15.34 -4.53
CA ILE B 40 -0.02 13.91 -4.42
C ILE B 40 -0.68 13.36 -3.13
N GLU B 41 -0.57 14.08 -2.00
CA GLU B 41 -1.20 13.61 -0.77
C GLU B 41 -2.73 13.53 -0.90
N GLU B 42 -3.33 14.47 -1.62
CA GLU B 42 -4.78 14.38 -1.81
C GLU B 42 -5.12 13.17 -2.68
N LEU B 43 -4.27 12.85 -3.67
CA LEU B 43 -4.51 11.65 -4.48
C LEU B 43 -4.37 10.40 -3.61
N VAL B 44 -3.39 10.40 -2.71
CA VAL B 44 -3.28 9.25 -1.80
C VAL B 44 -4.59 9.09 -0.99
N THR B 45 -5.09 10.19 -0.43
CA THR B 45 -6.29 10.12 0.38
C THR B 45 -7.50 9.69 -0.45
N PHE B 46 -7.69 10.32 -1.61
CA PHE B 46 -8.84 9.95 -2.41
C PHE B 46 -8.84 8.49 -2.85
N PHE B 47 -7.69 8.04 -3.35
CA PHE B 47 -7.64 6.67 -3.86
C PHE B 47 -7.46 5.59 -2.80
N SER B 48 -7.11 5.99 -1.58
CA SER B 48 -7.03 5.01 -0.49
C SER B 48 -8.44 4.75 0.03
N THR B 49 -9.37 5.69 -0.17
CA THR B 49 -10.73 5.54 0.37
C THR B 49 -11.87 5.38 -0.64
N ALA B 50 -11.59 5.58 -1.92
CA ALA B 50 -12.64 5.54 -2.91
C ALA B 50 -13.47 4.26 -2.92
N HIS B 51 -12.81 3.12 -2.87
CA HIS B 51 -13.56 1.89 -2.89
C HIS B 51 -14.51 1.77 -1.69
N ARG B 52 -13.99 1.98 -0.48
CA ARG B 52 -14.82 1.85 0.70
C ARG B 52 -15.91 2.93 0.77
N LYS B 53 -15.72 4.06 0.10
CA LYS B 53 -16.76 5.10 0.09
C LYS B 53 -17.86 4.79 -0.91
N GLY B 54 -17.65 3.79 -1.77
CA GLY B 54 -18.69 3.44 -2.72
C GLY B 54 -18.54 3.98 -4.12
N VAL B 55 -17.39 4.57 -4.42
CA VAL B 55 -17.16 5.11 -5.78
C VAL B 55 -17.10 3.91 -6.74
N ARG B 56 -17.85 3.98 -7.84
CA ARG B 56 -17.93 2.87 -8.79
C ARG B 56 -16.93 2.97 -9.94
N ALA B 57 -16.54 4.18 -10.29
CA ALA B 57 -15.53 4.40 -11.34
C ALA B 57 -15.10 5.84 -11.24
N VAL B 58 -13.93 6.14 -11.77
CA VAL B 58 -13.39 7.49 -11.73
C VAL B 58 -12.99 7.92 -13.14
N VAL B 59 -13.32 9.16 -13.51
CA VAL B 59 -12.86 9.73 -14.77
C VAL B 59 -11.90 10.82 -14.28
N LEU B 60 -10.63 10.64 -14.62
CA LEU B 60 -9.54 11.50 -14.20
C LEU B 60 -9.20 12.46 -15.30
N THR B 61 -9.19 13.76 -15.00
CA THR B 61 -8.88 14.70 -16.06
C THR B 61 -8.12 15.88 -15.48
N GLY B 62 -7.61 16.75 -16.37
CA GLY B 62 -6.93 17.96 -15.95
C GLY B 62 -7.71 19.15 -16.51
N ALA B 63 -7.96 20.15 -15.67
CA ALA B 63 -8.68 21.35 -16.15
C ALA B 63 -7.83 22.05 -17.20
N GLY B 64 -8.47 22.69 -18.19
CA GLY B 64 -7.66 23.40 -19.17
C GLY B 64 -7.21 22.57 -20.38
N ASP B 65 -6.27 23.12 -21.14
CA ASP B 65 -5.84 22.45 -22.36
C ASP B 65 -4.85 21.30 -22.19
N HIS B 66 -4.24 21.19 -21.00
CA HIS B 66 -3.19 20.18 -20.78
C HIS B 66 -3.48 19.32 -19.56
N PHE B 67 -3.47 17.99 -19.76
CA PHE B 67 -3.75 17.05 -18.66
C PHE B 67 -2.81 17.29 -17.49
N CYS B 68 -1.50 17.14 -17.69
CA CYS B 68 -0.56 17.31 -16.60
C CYS B 68 0.86 17.35 -17.13
N ALA B 69 1.57 18.43 -16.78
CA ALA B 69 2.94 18.63 -17.23
C ALA B 69 3.97 17.95 -16.35
N GLY B 70 3.54 17.28 -15.30
CA GLY B 70 4.51 16.56 -14.50
C GLY B 70 4.79 17.11 -13.14
N LEU B 71 5.97 16.77 -12.62
CA LEU B 71 6.31 17.24 -11.28
C LEU B 71 6.39 18.77 -11.23
N ASP B 72 5.96 19.35 -10.11
CA ASP B 72 6.02 20.81 -9.94
C ASP B 72 7.49 21.17 -9.69
N LEU B 73 8.15 21.66 -10.74
CA LEU B 73 9.57 22.03 -10.68
C LEU B 73 9.83 23.30 -9.87
N VAL B 74 8.85 24.20 -9.83
CA VAL B 74 9.02 25.42 -9.06
C VAL B 74 9.16 24.99 -7.61
N GLU B 75 8.22 24.18 -7.15
CA GLU B 75 8.27 23.69 -5.79
C GLU B 75 9.57 22.90 -5.60
N HIS B 76 9.91 22.04 -6.55
CA HIS B 76 11.12 21.23 -6.43
C HIS B 76 12.38 22.08 -6.26
N TRP B 77 12.57 23.02 -7.17
CA TRP B 77 13.72 23.92 -7.15
C TRP B 77 13.83 24.65 -5.83
N LYS B 78 12.72 25.26 -5.40
CA LYS B 78 12.70 26.02 -4.15
C LYS B 78 13.01 25.19 -2.92
N ALA B 79 12.56 23.95 -2.90
CA ALA B 79 12.78 23.08 -1.75
C ALA B 79 14.24 22.68 -1.54
N ASP B 80 15.08 22.82 -2.58
CA ASP B 80 16.50 22.42 -2.52
C ASP B 80 16.58 21.11 -1.76
N ARG B 81 15.97 20.10 -2.34
CA ARG B 81 15.89 18.79 -1.71
C ARG B 81 17.16 17.97 -1.74
N SER B 82 17.41 17.26 -0.66
CA SER B 82 18.56 16.34 -0.60
C SER B 82 18.05 15.04 -1.27
N ALA B 83 18.96 14.10 -1.53
CA ALA B 83 18.58 12.84 -2.16
C ALA B 83 17.51 12.14 -1.29
N ASP B 84 17.68 12.15 0.03
CA ASP B 84 16.67 11.49 0.83
C ASP B 84 15.34 12.23 0.84
N ASP B 85 15.38 13.56 0.81
CA ASP B 85 14.12 14.28 0.77
C ASP B 85 13.37 13.93 -0.52
N PHE B 86 14.08 13.86 -1.65
CA PHE B 86 13.42 13.58 -2.90
C PHE B 86 12.97 12.12 -3.00
N MET B 87 13.78 11.21 -2.46
CA MET B 87 13.35 9.81 -2.43
C MET B 87 12.01 9.74 -1.69
N HIS B 88 11.87 10.46 -0.56
CA HIS B 88 10.62 10.44 0.18
C HIS B 88 9.45 10.99 -0.62
N VAL B 89 9.68 12.06 -1.39
CA VAL B 89 8.63 12.59 -2.25
C VAL B 89 8.21 11.49 -3.26
N CYS B 90 9.21 10.84 -3.88
CA CYS B 90 8.90 9.77 -4.84
C CYS B 90 8.07 8.65 -4.20
N LEU B 91 8.37 8.27 -2.94
CA LEU B 91 7.56 7.24 -2.32
C LEU B 91 6.11 7.68 -2.17
N ARG B 92 5.86 8.98 -1.98
CA ARG B 92 4.48 9.43 -1.88
C ARG B 92 3.77 9.35 -3.25
N TRP B 93 4.50 9.72 -4.31
CA TRP B 93 3.94 9.59 -5.67
C TRP B 93 3.57 8.10 -5.87
N HIS B 94 4.50 7.19 -5.52
CA HIS B 94 4.24 5.77 -5.67
C HIS B 94 3.07 5.28 -4.84
N GLU B 95 2.88 5.81 -3.63
CA GLU B 95 1.77 5.40 -2.82
C GLU B 95 0.47 5.82 -3.51
N ALA B 96 0.41 7.06 -4.02
CA ALA B 96 -0.80 7.50 -4.71
C ALA B 96 -1.11 6.63 -5.92
N PHE B 97 -0.06 6.34 -6.71
CA PHE B 97 -0.28 5.56 -7.94
C PHE B 97 -0.58 4.07 -7.67
N ASN B 98 0.00 3.53 -6.58
CA ASN B 98 -0.31 2.15 -6.21
C ASN B 98 -1.76 2.06 -5.75
N LYS B 99 -2.24 3.07 -5.03
CA LYS B 99 -3.63 3.03 -4.58
C LYS B 99 -4.57 3.16 -5.79
N MET B 100 -4.14 3.89 -6.81
CA MET B 100 -4.93 3.95 -8.05
C MET B 100 -4.91 2.59 -8.78
N GLU B 101 -3.71 2.05 -9.03
CA GLU B 101 -3.63 0.83 -9.81
C GLU B 101 -4.21 -0.41 -9.16
N TYR B 102 -3.93 -0.55 -7.86
CA TYR B 102 -4.35 -1.75 -7.14
C TYR B 102 -5.56 -1.57 -6.24
N GLY B 103 -6.16 -0.38 -6.27
CA GLY B 103 -7.29 -0.09 -5.40
C GLY B 103 -8.63 -0.71 -5.75
N GLY B 104 -8.82 -1.21 -6.95
CA GLY B 104 -10.09 -1.86 -7.25
C GLY B 104 -11.18 -0.97 -7.79
N VAL B 105 -10.90 0.32 -7.97
CA VAL B 105 -11.91 1.22 -8.53
C VAL B 105 -11.44 1.57 -9.94
N PRO B 106 -12.21 1.23 -10.99
CA PRO B 106 -11.79 1.53 -12.36
C PRO B 106 -11.52 3.00 -12.56
N ILE B 107 -10.39 3.33 -13.17
CA ILE B 107 -10.01 4.72 -13.44
C ILE B 107 -9.82 4.86 -14.94
N ILE B 108 -10.48 5.85 -15.52
CA ILE B 108 -10.39 6.14 -16.94
C ILE B 108 -9.89 7.58 -17.05
N ALA B 109 -8.72 7.76 -17.65
CA ALA B 109 -8.15 9.11 -17.79
C ALA B 109 -8.59 9.73 -19.10
N ALA B 110 -9.10 10.97 -19.05
CA ALA B 110 -9.54 11.67 -20.26
C ALA B 110 -8.44 12.66 -20.54
N LEU B 111 -7.61 12.35 -21.53
CA LEU B 111 -6.46 13.14 -21.83
C LEU B 111 -6.65 14.24 -22.88
N ARG B 112 -5.92 15.33 -22.67
CA ARG B 112 -5.87 16.45 -23.63
C ARG B 112 -4.49 17.02 -23.52
N GLY B 113 -3.99 17.59 -24.62
CA GLY B 113 -2.70 18.26 -24.58
C GLY B 113 -1.55 17.46 -23.97
N ALA B 114 -0.70 18.15 -23.22
CA ALA B 114 0.50 17.54 -22.64
C ALA B 114 0.23 16.48 -21.59
N VAL B 115 0.75 15.28 -21.87
CA VAL B 115 0.69 14.16 -20.91
C VAL B 115 2.19 13.85 -20.84
N VAL B 116 2.90 14.62 -20.01
CA VAL B 116 4.36 14.55 -19.99
C VAL B 116 4.99 14.37 -18.63
N GLY B 117 6.08 13.58 -18.61
CA GLY B 117 6.83 13.31 -17.39
C GLY B 117 5.95 12.70 -16.33
N GLY B 118 5.96 13.32 -15.16
CA GLY B 118 5.09 12.88 -14.06
C GLY B 118 3.62 12.84 -14.48
N GLY B 119 3.22 13.64 -15.49
CA GLY B 119 1.84 13.57 -15.96
C GLY B 119 1.55 12.27 -16.70
N LEU B 120 2.55 11.74 -17.41
CA LEU B 120 2.38 10.45 -18.07
C LEU B 120 2.38 9.37 -16.97
N GLU B 121 3.16 9.60 -15.91
CA GLU B 121 3.15 8.64 -14.79
C GLU B 121 1.76 8.58 -14.14
N LEU B 122 1.14 9.75 -13.96
CA LEU B 122 -0.21 9.80 -13.39
C LEU B 122 -1.20 9.10 -14.34
N ALA B 123 -1.13 9.46 -15.64
CA ALA B 123 -2.01 8.82 -16.62
C ALA B 123 -1.83 7.29 -16.66
N SER B 124 -0.59 6.84 -16.49
CA SER B 124 -0.29 5.40 -16.53
C SER B 124 -0.84 4.64 -15.30
N ALA B 125 -1.15 5.35 -14.23
CA ALA B 125 -1.72 4.75 -13.03
C ALA B 125 -3.21 4.45 -13.21
N ALA B 126 -3.83 5.04 -14.23
CA ALA B 126 -5.22 4.76 -14.55
C ALA B 126 -5.28 3.40 -15.27
N HIS B 127 -6.45 2.77 -15.28
CA HIS B 127 -6.60 1.50 -15.99
C HIS B 127 -6.77 1.71 -17.49
N LEU B 128 -7.57 2.70 -17.84
CA LEU B 128 -7.83 3.04 -19.23
C LEU B 128 -7.46 4.49 -19.50
N ARG B 129 -6.98 4.73 -20.70
CA ARG B 129 -6.65 6.09 -21.16
C ARG B 129 -7.39 6.38 -22.47
N VAL B 130 -7.99 7.57 -22.53
CA VAL B 130 -8.67 8.05 -23.74
C VAL B 130 -7.93 9.33 -24.16
N MET B 131 -7.36 9.33 -25.37
CA MET B 131 -6.64 10.51 -25.86
C MET B 131 -7.44 11.18 -26.97
N ASP B 132 -7.16 12.47 -27.16
CA ASP B 132 -7.87 13.19 -28.23
C ASP B 132 -6.85 13.66 -29.27
N GLN B 133 -7.28 14.47 -30.24
CA GLN B 133 -6.36 14.91 -31.26
C GLN B 133 -5.29 15.92 -30.82
N SER B 134 -5.43 16.49 -29.63
CA SER B 134 -4.47 17.46 -29.11
C SER B 134 -3.46 16.81 -28.18
N THR B 135 -3.70 15.54 -27.87
CA THR B 135 -2.86 14.87 -26.86
C THR B 135 -1.47 14.46 -27.34
N TYR B 136 -0.46 14.69 -26.51
CA TYR B 136 0.87 14.21 -26.88
C TYR B 136 1.55 13.69 -25.60
N PHE B 137 2.46 12.75 -25.80
CA PHE B 137 3.13 12.06 -24.70
C PHE B 137 4.64 12.17 -24.79
N ALA B 138 5.31 12.33 -23.66
CA ALA B 138 6.77 12.38 -23.63
C ALA B 138 7.26 12.22 -22.20
N LEU B 139 8.53 11.85 -22.08
CA LEU B 139 9.26 11.78 -20.80
C LEU B 139 10.49 12.63 -21.12
N PRO B 140 10.31 13.96 -21.16
CA PRO B 140 11.36 14.93 -21.47
C PRO B 140 12.36 15.22 -20.38
N GLU B 141 12.04 14.83 -19.16
CA GLU B 141 12.95 15.15 -18.07
C GLU B 141 14.36 14.61 -18.25
N GLY B 142 14.48 13.45 -18.90
CA GLY B 142 15.77 12.83 -19.11
C GLY B 142 16.76 13.76 -19.81
N GLN B 143 16.27 14.48 -20.81
CA GLN B 143 17.14 15.40 -21.55
C GLN B 143 17.54 16.56 -20.64
N ARG B 144 16.79 16.73 -19.56
CA ARG B 144 17.04 17.79 -18.60
C ARG B 144 17.86 17.28 -17.41
N GLY B 145 18.33 16.05 -17.53
CA GLY B 145 19.14 15.46 -16.47
C GLY B 145 18.36 14.80 -15.35
N ILE B 146 17.05 14.68 -15.55
CA ILE B 146 16.12 14.12 -14.55
C ILE B 146 15.67 12.70 -14.88
N PHE B 147 15.51 11.88 -13.85
CA PHE B 147 15.06 10.50 -14.02
C PHE B 147 13.60 10.47 -13.54
N THR B 148 12.80 9.58 -14.13
CA THR B 148 11.39 9.41 -13.73
C THR B 148 11.33 8.64 -12.41
N GLY B 149 10.74 9.23 -11.37
CA GLY B 149 10.68 8.55 -10.08
C GLY B 149 9.28 8.31 -9.59
N GLY B 150 8.32 8.34 -10.52
CA GLY B 150 6.92 8.12 -10.18
C GLY B 150 6.27 6.94 -10.90
N GLY B 151 7.09 5.96 -11.25
CA GLY B 151 6.55 4.75 -11.85
C GLY B 151 6.69 4.60 -13.34
N ALA B 152 7.21 5.59 -14.04
CA ALA B 152 7.30 5.42 -15.49
C ALA B 152 8.08 4.18 -15.90
N THR B 153 9.11 3.86 -15.14
CA THR B 153 9.94 2.70 -15.53
C THR B 153 9.19 1.39 -15.38
N ILE B 154 8.12 1.40 -14.60
CA ILE B 154 7.31 0.22 -14.36
C ILE B 154 6.08 0.22 -15.28
N ARG B 155 5.22 1.22 -15.11
CA ARG B 155 3.96 1.26 -15.87
C ARG B 155 4.11 1.62 -17.33
N VAL B 156 4.95 2.61 -17.66
CA VAL B 156 5.07 2.91 -19.09
C VAL B 156 5.73 1.72 -19.78
N SER B 157 6.69 1.06 -19.15
CA SER B 157 7.24 -0.15 -19.75
C SER B 157 6.14 -1.19 -19.97
N ASP B 158 5.22 -1.33 -19.00
CA ASP B 158 4.14 -2.31 -19.14
C ASP B 158 3.19 -1.91 -20.26
N MET B 159 3.09 -0.61 -20.55
CA MET B 159 2.24 -0.09 -21.62
C MET B 159 2.78 -0.19 -23.02
N ILE B 160 4.05 0.15 -23.18
CA ILE B 160 4.65 0.20 -24.51
C ILE B 160 5.86 -0.68 -24.76
N GLY B 161 6.34 -1.36 -23.71
CA GLY B 161 7.51 -2.19 -23.83
C GLY B 161 8.73 -1.52 -23.21
N LYS B 162 9.54 -2.27 -22.50
CA LYS B 162 10.74 -1.73 -21.88
C LYS B 162 11.63 -0.93 -22.83
N TYR B 163 11.87 -1.46 -24.02
CA TYR B 163 12.75 -0.76 -24.95
C TYR B 163 12.17 0.51 -25.53
N ARG B 164 10.85 0.62 -25.62
CA ARG B 164 10.26 1.88 -26.08
C ARG B 164 10.24 2.89 -24.92
N MET B 165 10.09 2.40 -23.68
CA MET B 165 10.13 3.32 -22.55
C MET B 165 11.57 3.88 -22.39
N ILE B 166 12.57 3.00 -22.51
CA ILE B 166 13.96 3.44 -22.42
C ILE B 166 14.21 4.49 -23.51
N ASP B 167 13.74 4.21 -24.73
CA ASP B 167 13.88 5.19 -25.83
C ASP B 167 13.25 6.54 -25.44
N MET B 168 12.00 6.54 -24.98
CA MET B 168 11.38 7.80 -24.62
C MET B 168 12.19 8.59 -23.60
N ILE B 169 12.68 7.97 -22.52
CA ILE B 169 13.39 8.79 -21.53
C ILE B 169 14.83 9.14 -21.95
N LEU B 170 15.44 8.26 -22.75
CA LEU B 170 16.82 8.50 -23.17
C LEU B 170 16.89 9.61 -24.23
N THR B 171 15.89 9.67 -25.10
CA THR B 171 15.91 10.65 -26.20
C THR B 171 14.89 11.78 -26.15
N GLY B 172 13.91 11.69 -25.27
CA GLY B 172 12.89 12.73 -25.20
C GLY B 172 11.87 12.61 -26.33
N ARG B 173 11.85 11.47 -27.03
CA ARG B 173 10.96 11.26 -28.16
C ARG B 173 9.49 11.51 -27.78
N VAL B 174 8.78 12.23 -28.65
CA VAL B 174 7.37 12.56 -28.44
C VAL B 174 6.47 11.71 -29.34
N TYR B 175 5.35 11.26 -28.79
CA TYR B 175 4.37 10.51 -29.54
C TYR B 175 3.01 11.20 -29.48
N GLN B 176 2.26 11.11 -30.58
CA GLN B 176 0.93 11.70 -30.61
C GLN B 176 0.07 10.98 -31.62
N GLY B 177 -1.23 11.32 -31.62
CA GLY B 177 -2.11 10.74 -32.61
C GLY B 177 -2.25 9.22 -32.61
N GLN B 178 -2.68 8.66 -33.74
CA GLN B 178 -2.88 7.24 -33.83
C GLN B 178 -1.60 6.47 -33.50
N GLU B 179 -0.43 7.05 -33.82
CA GLU B 179 0.84 6.36 -33.56
C GLU B 179 0.97 6.11 -32.06
N ALA B 180 0.60 7.13 -31.27
CA ALA B 180 0.68 6.99 -29.80
C ALA B 180 -0.29 5.91 -29.33
N ALA B 181 -1.52 5.89 -29.85
CA ALA B 181 -2.49 4.89 -29.42
C ALA B 181 -1.99 3.48 -29.79
N ASP B 182 -1.52 3.32 -31.03
CA ASP B 182 -1.02 2.02 -31.46
C ASP B 182 0.21 1.57 -30.67
N LEU B 183 1.01 2.52 -30.18
CA LEU B 183 2.22 2.19 -29.40
C LEU B 183 1.85 1.57 -28.06
N GLY B 184 0.65 1.89 -27.56
CA GLY B 184 0.23 1.39 -26.27
C GLY B 184 0.08 2.50 -25.24
N LEU B 185 0.15 3.76 -25.66
CA LEU B 185 0.02 4.87 -24.71
C LEU B 185 -1.41 5.11 -24.27
N ALA B 186 -2.38 4.70 -25.10
CA ALA B 186 -3.78 4.87 -24.73
C ALA B 186 -4.57 3.85 -25.50
N GLN B 187 -5.56 3.24 -24.84
CA GLN B 187 -6.39 2.24 -25.50
C GLN B 187 -7.44 2.86 -26.42
N TYR B 188 -7.79 4.12 -26.17
CA TYR B 188 -8.84 4.77 -26.97
C TYR B 188 -8.35 6.12 -27.49
N ILE B 189 -8.69 6.40 -28.77
CA ILE B 189 -8.37 7.69 -29.38
C ILE B 189 -9.66 8.19 -30.01
N THR B 190 -9.95 9.44 -29.77
CA THR B 190 -11.18 10.03 -30.32
C THR B 190 -10.90 11.29 -31.12
N GLU B 191 -11.73 11.54 -32.12
CA GLU B 191 -11.62 12.75 -32.94
C GLU B 191 -12.45 13.84 -32.28
N GLY B 192 -13.15 13.48 -31.21
CA GLY B 192 -13.96 14.44 -30.47
C GLY B 192 -13.46 14.64 -29.04
N SER B 193 -14.40 14.66 -28.09
CA SER B 193 -14.09 14.89 -26.69
C SER B 193 -13.63 13.65 -25.95
N SER B 194 -12.43 13.70 -25.42
CA SER B 194 -11.94 12.56 -24.67
C SER B 194 -12.73 12.43 -23.36
N PHE B 195 -13.13 13.56 -22.77
CA PHE B 195 -13.95 13.48 -21.56
C PHE B 195 -15.27 12.77 -21.85
N ASP B 196 -15.95 13.13 -22.95
CA ASP B 196 -17.22 12.50 -23.21
C ASP B 196 -17.08 11.00 -23.48
N LYS B 197 -16.00 10.61 -24.16
CA LYS B 197 -15.76 9.19 -24.43
C LYS B 197 -15.43 8.48 -23.10
N ALA B 198 -14.63 9.12 -22.26
CA ALA B 198 -14.31 8.53 -20.97
C ALA B 198 -15.57 8.33 -20.13
N MET B 199 -16.50 9.31 -20.16
CA MET B 199 -17.74 9.18 -19.42
C MET B 199 -18.61 8.04 -19.96
N GLU B 200 -18.62 7.85 -21.29
CA GLU B 200 -19.37 6.75 -21.87
C GLU B 200 -18.81 5.41 -21.33
N LEU B 201 -17.49 5.29 -21.36
CA LEU B 201 -16.85 4.07 -20.86
C LEU B 201 -17.11 3.90 -19.37
N ALA B 202 -16.97 4.97 -18.61
CA ALA B 202 -17.19 4.90 -17.17
C ALA B 202 -18.64 4.54 -16.80
N ASP B 203 -19.61 5.09 -17.51
CA ASP B 203 -21.00 4.77 -17.20
C ASP B 203 -21.29 3.30 -17.46
N LYS B 204 -20.71 2.75 -18.52
CA LYS B 204 -20.92 1.34 -18.79
C LYS B 204 -20.23 0.49 -17.70
N ILE B 205 -19.00 0.86 -17.36
CA ILE B 205 -18.27 0.12 -16.32
C ILE B 205 -19.01 0.17 -14.98
N ALA B 206 -19.55 1.33 -14.66
CA ALA B 206 -20.28 1.51 -13.40
C ALA B 206 -21.55 0.65 -13.32
N SER B 207 -22.03 0.18 -14.47
CA SER B 207 -23.24 -0.63 -14.50
C SER B 207 -22.92 -2.09 -14.20
N ASN B 208 -21.64 -2.42 -14.17
CA ASN B 208 -21.29 -3.80 -13.89
C ASN B 208 -21.20 -4.06 -12.39
N LEU B 209 -20.98 -5.30 -12.00
CA LEU B 209 -20.97 -5.60 -10.59
C LEU B 209 -19.75 -5.05 -9.89
N PRO B 210 -19.93 -4.49 -8.68
CA PRO B 210 -18.80 -3.93 -7.92
C PRO B 210 -17.65 -4.93 -7.69
N LEU B 211 -17.97 -6.15 -7.29
CA LEU B 211 -16.91 -7.11 -7.00
C LEU B 211 -16.13 -7.48 -8.25
N THR B 212 -16.83 -7.59 -9.37
CA THR B 212 -16.19 -7.97 -10.63
C THR B 212 -15.23 -6.86 -11.05
N ASN B 213 -15.67 -5.61 -10.95
CA ASN B 213 -14.77 -4.51 -11.29
C ASN B 213 -13.61 -4.45 -10.29
N PHE B 214 -13.88 -4.75 -9.02
CA PHE B 214 -12.83 -4.69 -8.01
C PHE B 214 -11.71 -5.66 -8.40
N ALA B 215 -12.08 -6.89 -8.74
CA ALA B 215 -11.09 -7.93 -9.11
C ALA B 215 -10.35 -7.55 -10.39
N ILE B 216 -11.09 -7.08 -11.40
CA ILE B 216 -10.45 -6.68 -12.64
C ILE B 216 -9.42 -5.58 -12.40
N CYS B 217 -9.75 -4.66 -11.50
CA CYS B 217 -8.90 -3.50 -11.24
C CYS B 217 -7.96 -3.63 -10.07
N SER B 218 -7.65 -4.87 -9.71
CA SER B 218 -6.62 -5.07 -8.68
C SER B 218 -5.89 -6.39 -8.92
N ALA B 219 -6.63 -7.45 -9.23
CA ALA B 219 -5.98 -8.76 -9.35
C ALA B 219 -5.06 -8.92 -10.52
N ILE B 220 -5.42 -8.36 -11.67
CA ILE B 220 -4.62 -8.54 -12.87
C ILE B 220 -3.25 -7.94 -12.73
N SER B 221 -3.14 -6.75 -12.15
CA SER B 221 -1.82 -6.17 -11.91
C SER B 221 -1.01 -7.08 -10.97
N HIS B 222 -1.62 -7.62 -9.92
CA HIS B 222 -0.89 -8.52 -9.03
C HIS B 222 -0.42 -9.77 -9.77
N MET B 223 -1.28 -10.33 -10.63
CA MET B 223 -0.88 -11.55 -11.34
C MET B 223 0.30 -11.33 -12.23
N GLN B 224 0.41 -10.14 -12.81
CA GLN B 224 1.51 -9.86 -13.70
C GLN B 224 2.86 -9.71 -12.99
N ASN B 225 2.85 -9.66 -11.66
CA ASN B 225 4.08 -9.52 -10.89
C ASN B 225 4.62 -10.89 -10.42
N MET B 226 3.91 -11.94 -10.80
CA MET B 226 4.20 -13.33 -10.38
C MET B 226 4.63 -14.22 -11.56
N SER B 227 5.27 -15.35 -11.26
CA SER B 227 5.47 -16.33 -12.32
C SER B 227 4.06 -16.78 -12.75
N GLY B 228 3.90 -17.06 -14.04
CA GLY B 228 2.59 -17.52 -14.52
C GLY B 228 2.16 -18.81 -13.84
N LEU B 229 3.12 -19.62 -13.40
CA LEU B 229 2.73 -20.87 -12.75
C LEU B 229 2.17 -20.67 -11.33
N ASP B 230 2.49 -19.54 -10.69
CA ASP B 230 1.90 -19.21 -9.39
C ASP B 230 0.65 -18.35 -9.57
N ALA B 231 0.65 -17.47 -10.57
CA ALA B 231 -0.54 -16.67 -10.84
C ALA B 231 -1.69 -17.58 -11.22
N ALA B 232 -1.41 -18.72 -11.83
CA ALA B 232 -2.51 -19.65 -12.21
C ALA B 232 -3.33 -20.02 -10.99
N TYR B 233 -2.65 -20.33 -9.88
CA TYR B 233 -3.34 -20.71 -8.66
C TYR B 233 -4.13 -19.54 -8.08
N ALA B 234 -3.50 -18.36 -7.99
CA ALA B 234 -4.20 -17.21 -7.44
C ALA B 234 -5.41 -16.85 -8.29
N GLU B 235 -5.28 -16.92 -9.62
CA GLU B 235 -6.40 -16.55 -10.50
C GLU B 235 -7.59 -17.48 -10.27
N ALA B 236 -7.32 -18.76 -9.99
CA ALA B 236 -8.39 -19.70 -9.74
C ALA B 236 -9.21 -19.28 -8.51
N PHE B 237 -8.52 -18.77 -7.48
CA PHE B 237 -9.22 -18.30 -6.29
C PHE B 237 -9.99 -17.00 -6.56
N VAL B 238 -9.44 -16.10 -7.38
CA VAL B 238 -10.17 -14.87 -7.71
C VAL B 238 -11.42 -15.28 -8.52
N GLY B 239 -11.28 -16.16 -9.50
CA GLY B 239 -12.45 -16.63 -10.25
C GLY B 239 -13.48 -17.30 -9.33
N GLY B 240 -13.02 -18.09 -8.37
CA GLY B 240 -13.96 -18.75 -7.47
C GLY B 240 -14.81 -17.77 -6.69
N ILE B 241 -14.19 -16.73 -6.14
CA ILE B 241 -14.95 -15.74 -5.39
C ILE B 241 -15.85 -14.89 -6.27
N VAL B 242 -15.29 -14.36 -7.34
CA VAL B 242 -16.09 -13.47 -8.17
C VAL B 242 -17.24 -14.13 -8.88
N ASN B 243 -17.03 -15.32 -9.40
CA ASN B 243 -18.04 -15.99 -10.22
C ASN B 243 -19.14 -16.74 -9.51
N THR B 244 -19.09 -16.76 -8.19
CA THR B 244 -20.14 -17.44 -7.43
C THR B 244 -20.91 -16.49 -6.50
N GLN B 245 -20.63 -15.19 -6.61
CA GLN B 245 -21.34 -14.19 -5.82
C GLN B 245 -22.79 -14.30 -6.31
N PRO B 246 -23.76 -14.21 -5.40
CA PRO B 246 -25.19 -14.30 -5.78
C PRO B 246 -25.62 -13.36 -6.90
N ALA B 247 -25.07 -12.16 -6.89
CA ALA B 247 -25.41 -11.16 -7.90
C ALA B 247 -25.00 -11.61 -9.31
N ALA B 248 -23.92 -12.37 -9.40
CA ALA B 248 -23.47 -12.86 -10.70
C ALA B 248 -24.44 -13.93 -11.20
N ARG B 249 -24.87 -14.80 -10.30
CA ARG B 249 -25.81 -15.84 -10.68
C ARG B 249 -27.07 -15.13 -11.17
N GLU B 250 -27.46 -14.11 -10.42
CA GLU B 250 -28.63 -13.30 -10.73
C GLU B 250 -28.54 -12.78 -12.18
N ARG B 251 -27.32 -12.72 -12.72
CA ARG B 251 -27.11 -12.27 -14.10
C ARG B 251 -26.91 -13.43 -15.08
#